data_7VRK
#
_entry.id   7VRK
#
_cell.length_a   113.492
_cell.length_b   55.303
_cell.length_c   67.499
_cell.angle_alpha   90.00
_cell.angle_beta   94.06
_cell.angle_gamma   90.00
#
_symmetry.space_group_name_H-M   'C 1 2 1'
#
loop_
_entity.id
_entity.type
_entity.pdbx_description
1 polymer 'Bromodomain-containing protein 2'
2 non-polymer THEOPHYLLINE
3 non-polymer 'SULFATE ION'
4 water water
#
_entity_poly.entity_id   1
_entity_poly.type   'polypeptide(L)'
_entity_poly.pdbx_seq_one_letter_code
;GSHMGRVTNQLQYLHKVVMKALWKHQFAWPFRQPVDAVKLGLPDYHKIIKQPMDMGTIKRRLENNYYWAASECMQDFNTM
FTNCYIYNKPTDDIVLMAQTLEKIFLQKVASMPQEEQELVVTIPKN
;
_entity_poly.pdbx_strand_id   A,B,C
#
# COMPACT_ATOMS: atom_id res chain seq x y z
N VAL A 7 -1.45 11.05 14.57
CA VAL A 7 -1.48 9.79 13.83
C VAL A 7 -2.70 9.72 12.91
N THR A 8 -2.54 10.10 11.63
CA THR A 8 -3.67 10.09 10.71
C THR A 8 -4.09 8.67 10.36
N ASN A 9 -5.31 8.55 9.82
CA ASN A 9 -5.78 7.22 9.41
C ASN A 9 -4.86 6.63 8.35
N GLN A 10 -4.33 7.47 7.45
CA GLN A 10 -3.49 7.00 6.36
C GLN A 10 -2.16 6.47 6.88
N LEU A 11 -1.51 7.25 7.75
CA LEU A 11 -0.28 6.78 8.36
C LEU A 11 -0.52 5.48 9.12
N GLN A 12 -1.59 5.43 9.91
CA GLN A 12 -2.00 4.20 10.55
C GLN A 12 -2.11 3.05 9.56
N TYR A 13 -2.82 3.30 8.45
CA TYR A 13 -2.85 2.33 7.36
C TYR A 13 -1.45 1.99 6.84
N LEU A 14 -0.60 3.01 6.67
CA LEU A 14 0.74 2.74 6.17
C LEU A 14 1.55 1.92 7.17
N HIS A 15 1.29 2.08 8.46
CA HIS A 15 2.02 1.25 9.42
C HIS A 15 1.41 -0.13 9.55
N LYS A 16 0.09 -0.22 9.74
CA LYS A 16 -0.51 -1.51 10.05
C LYS A 16 -0.66 -2.39 8.83
N VAL A 17 -0.88 -1.82 7.65
CA VAL A 17 -1.10 -2.61 6.44
C VAL A 17 0.13 -2.66 5.57
N VAL A 18 0.71 -1.52 5.23
CA VAL A 18 1.80 -1.50 4.27
C VAL A 18 3.09 -2.00 4.90
N MET A 19 3.50 -1.40 6.02
CA MET A 19 4.73 -1.85 6.69
C MET A 19 4.59 -3.26 7.24
N LYS A 20 3.42 -3.62 7.75
CA LYS A 20 3.25 -4.99 8.19
C LYS A 20 3.50 -5.95 7.04
N ALA A 21 2.95 -5.64 5.88
CA ALA A 21 3.09 -6.55 4.74
C ALA A 21 4.53 -6.60 4.26
N LEU A 22 5.17 -5.45 4.09
CA LEU A 22 6.49 -5.41 3.48
C LEU A 22 7.58 -5.91 4.43
N TRP A 23 7.44 -5.60 5.72
CA TRP A 23 8.57 -5.87 6.62
C TRP A 23 8.78 -7.37 6.84
N LYS A 24 7.71 -8.16 6.83
CA LYS A 24 7.81 -9.59 7.09
C LYS A 24 8.04 -10.40 5.83
N HIS A 25 8.29 -9.73 4.71
CA HIS A 25 8.33 -10.40 3.41
C HIS A 25 9.67 -11.08 3.19
N GLN A 26 9.63 -12.21 2.47
CA GLN A 26 10.84 -12.99 2.25
C GLN A 26 11.91 -12.24 1.47
N PHE A 27 11.54 -11.17 0.77
CA PHE A 27 12.46 -10.34 0.01
C PHE A 27 12.87 -9.08 0.76
N ALA A 28 12.35 -8.87 1.97
CA ALA A 28 12.54 -7.61 2.68
C ALA A 28 13.93 -7.44 3.24
N TRP A 29 14.63 -8.54 3.53
CA TRP A 29 15.80 -8.45 4.40
C TRP A 29 16.88 -7.48 3.91
N PRO A 30 17.14 -7.30 2.61
CA PRO A 30 18.15 -6.30 2.21
C PRO A 30 17.68 -4.87 2.37
N PHE A 31 16.43 -4.63 2.73
CA PHE A 31 15.92 -3.27 2.87
C PHE A 31 15.56 -2.94 4.31
N ARG A 32 15.81 -3.88 5.24
CA ARG A 32 15.43 -3.69 6.63
C ARG A 32 16.36 -2.75 7.38
N GLN A 33 17.48 -2.37 6.79
CA GLN A 33 18.47 -1.49 7.41
C GLN A 33 19.14 -0.72 6.29
N PRO A 34 19.76 0.42 6.59
CA PRO A 34 20.40 1.21 5.53
C PRO A 34 21.45 0.37 4.83
N VAL A 35 21.69 0.69 3.56
CA VAL A 35 22.78 0.06 2.84
C VAL A 35 24.10 0.39 3.53
N ASP A 36 24.86 -0.64 3.84
CA ASP A 36 26.19 -0.50 4.41
C ASP A 36 27.16 -0.64 3.25
N ALA A 37 27.68 0.49 2.77
CA ALA A 37 28.48 0.50 1.55
C ALA A 37 29.84 -0.14 1.78
N VAL A 38 30.35 -0.05 3.01
CA VAL A 38 31.59 -0.72 3.35
C VAL A 38 31.38 -2.23 3.40
N LYS A 39 30.39 -2.66 4.18
CA LYS A 39 30.16 -4.10 4.35
C LYS A 39 29.74 -4.76 3.05
N LEU A 40 28.94 -4.09 2.22
CA LEU A 40 28.54 -4.63 0.93
C LEU A 40 29.56 -4.38 -0.18
N GLY A 41 30.64 -3.65 0.13
CA GLY A 41 31.66 -3.41 -0.87
C GLY A 41 31.12 -2.67 -2.07
N LEU A 42 30.41 -1.56 -1.81
CA LEU A 42 29.90 -0.66 -2.84
C LEU A 42 30.47 0.73 -2.59
N PRO A 43 31.74 0.96 -2.96
CA PRO A 43 32.38 2.25 -2.62
C PRO A 43 31.74 3.46 -3.31
N ASP A 44 31.11 3.29 -4.47
CA ASP A 44 30.48 4.43 -5.13
C ASP A 44 29.04 4.64 -4.72
N TYR A 45 28.54 3.91 -3.72
CA TYR A 45 27.11 3.96 -3.43
C TYR A 45 26.67 5.36 -3.02
N HIS A 46 27.35 5.95 -2.05
CA HIS A 46 26.93 7.26 -1.58
C HIS A 46 27.37 8.37 -2.53
N LYS A 47 28.11 8.05 -3.58
CA LYS A 47 28.35 9.03 -4.63
C LYS A 47 27.17 9.11 -5.59
N ILE A 48 26.49 7.99 -5.79
CA ILE A 48 25.37 7.90 -6.71
C ILE A 48 24.02 8.11 -6.02
N ILE A 49 23.83 7.53 -4.85
CA ILE A 49 22.59 7.65 -4.10
C ILE A 49 22.80 8.70 -3.02
N LYS A 50 22.16 9.87 -3.17
CA LYS A 50 22.37 10.95 -2.22
C LYS A 50 21.32 11.03 -1.13
N GLN A 51 20.19 10.32 -1.27
CA GLN A 51 19.20 10.16 -0.20
C GLN A 51 18.96 8.69 0.05
N PRO A 52 19.81 8.06 0.85
CA PRO A 52 19.59 6.64 1.18
C PRO A 52 18.30 6.49 1.97
N MET A 53 17.61 5.37 1.75
CA MET A 53 16.42 5.08 2.55
C MET A 53 16.23 3.58 2.61
N ASP A 54 15.49 3.14 3.64
CA ASP A 54 15.38 1.75 3.99
C ASP A 54 14.17 1.58 4.89
N MET A 55 13.76 0.33 5.09
CA MET A 55 12.50 0.09 5.77
C MET A 55 12.63 0.18 7.28
N GLY A 56 13.83 -0.02 7.83
CA GLY A 56 14.03 0.19 9.25
C GLY A 56 13.80 1.63 9.63
N THR A 57 14.45 2.55 8.92
CA THR A 57 14.20 3.97 9.10
C THR A 57 12.71 4.30 9.01
N ILE A 58 12.03 3.83 7.97
CA ILE A 58 10.61 4.12 7.84
C ILE A 58 9.82 3.49 8.99
N LYS A 59 10.12 2.23 9.33
CA LYS A 59 9.42 1.58 10.43
C LYS A 59 9.58 2.36 11.72
N ARG A 60 10.78 2.85 12.00
CA ARG A 60 11.01 3.63 13.20
C ARG A 60 10.28 4.98 13.12
N ARG A 61 10.30 5.64 11.96
CA ARG A 61 9.59 6.90 11.82
C ARG A 61 8.09 6.72 11.97
N LEU A 62 7.52 5.66 11.38
CA LEU A 62 6.11 5.38 11.64
C LEU A 62 5.88 5.09 13.13
N GLU A 63 6.87 4.50 13.79
CA GLU A 63 6.70 4.20 15.21
C GLU A 63 6.77 5.47 16.06
N ASN A 64 7.68 6.40 15.74
CA ASN A 64 7.83 7.63 16.51
C ASN A 64 7.04 8.80 15.95
N ASN A 65 5.99 8.53 15.17
CA ASN A 65 5.13 9.57 14.57
C ASN A 65 5.94 10.74 14.03
N TYR A 66 6.99 10.39 13.28
CA TYR A 66 7.86 11.36 12.63
C TYR A 66 7.16 12.06 11.48
N TYR A 67 6.23 11.39 10.80
CA TYR A 67 5.61 11.94 9.61
C TYR A 67 4.40 12.81 9.95
N TRP A 68 4.27 13.92 9.23
CA TRP A 68 3.06 14.73 9.31
C TRP A 68 2.01 14.33 8.27
N ALA A 69 2.41 13.70 7.16
CA ALA A 69 1.45 13.26 6.16
C ALA A 69 1.84 11.87 5.63
N ALA A 70 0.86 11.22 5.00
CA ALA A 70 1.12 9.94 4.37
C ALA A 70 2.00 10.10 3.15
N SER A 71 1.75 11.15 2.36
CA SER A 71 2.61 11.50 1.24
C SER A 71 4.08 11.42 1.63
N GLU A 72 4.41 11.85 2.84
CA GLU A 72 5.79 11.84 3.28
C GLU A 72 6.32 10.41 3.41
N CYS A 73 5.53 9.56 4.07
CA CYS A 73 5.91 8.18 4.26
C CYS A 73 5.93 7.44 2.92
N MET A 74 4.97 7.76 2.06
CA MET A 74 4.95 7.19 0.73
C MET A 74 6.20 7.57 -0.04
N GLN A 75 6.65 8.83 0.08
CA GLN A 75 7.84 9.27 -0.64
C GLN A 75 9.05 8.47 -0.20
N ASP A 76 9.15 8.19 1.10
CA ASP A 76 10.31 7.46 1.59
C ASP A 76 10.37 6.06 1.02
N PHE A 77 9.23 5.35 1.02
CA PHE A 77 9.13 4.07 0.34
C PHE A 77 9.61 4.21 -1.11
N ASN A 78 9.09 5.22 -1.81
CA ASN A 78 9.44 5.37 -3.21
C ASN A 78 10.94 5.63 -3.38
N THR A 79 11.51 6.50 -2.54
CA THR A 79 12.95 6.76 -2.60
C THR A 79 13.75 5.48 -2.39
N MET A 80 13.33 4.64 -1.45
CA MET A 80 14.07 3.41 -1.21
C MET A 80 14.04 2.51 -2.44
N PHE A 81 12.88 2.37 -3.10
CA PHE A 81 12.84 1.53 -4.29
C PHE A 81 13.59 2.18 -5.44
N THR A 82 13.44 3.50 -5.60
CA THR A 82 14.08 4.20 -6.70
C THR A 82 15.61 4.19 -6.60
N ASN A 83 16.16 4.38 -5.38
CA ASN A 83 17.60 4.20 -5.17
C ASN A 83 18.08 2.87 -5.71
N CYS A 84 17.31 1.82 -5.46
CA CYS A 84 17.74 0.49 -5.90
C CYS A 84 17.74 0.40 -7.42
N TYR A 85 16.69 0.90 -8.08
CA TYR A 85 16.64 0.81 -9.54
C TYR A 85 17.70 1.69 -10.18
N ILE A 86 18.08 2.78 -9.52
CA ILE A 86 19.05 3.69 -10.11
C ILE A 86 20.47 3.15 -9.90
N TYR A 87 20.77 2.68 -8.69
CA TYR A 87 22.14 2.27 -8.38
C TYR A 87 22.51 0.94 -9.04
N ASN A 88 21.59 -0.01 -9.06
CA ASN A 88 21.98 -1.38 -9.36
C ASN A 88 21.88 -1.65 -10.87
N LYS A 89 22.66 -2.63 -11.32
CA LYS A 89 22.56 -3.08 -12.71
C LYS A 89 21.17 -3.66 -12.93
N PRO A 90 20.63 -3.50 -14.14
CA PRO A 90 19.28 -4.03 -14.43
C PRO A 90 19.08 -5.52 -14.12
N THR A 91 20.15 -6.32 -14.20
CA THR A 91 20.08 -7.76 -14.00
C THR A 91 20.25 -8.19 -12.55
N ASP A 92 20.58 -7.28 -11.63
CA ASP A 92 20.81 -7.65 -10.24
C ASP A 92 19.52 -8.21 -9.64
N ASP A 93 19.66 -9.30 -8.89
CA ASP A 93 18.50 -9.88 -8.24
C ASP A 93 17.78 -8.87 -7.34
N ILE A 94 18.52 -7.91 -6.76
CA ILE A 94 17.89 -6.96 -5.84
C ILE A 94 16.89 -6.08 -6.56
N VAL A 95 17.13 -5.76 -7.84
CA VAL A 95 16.15 -4.97 -8.57
C VAL A 95 14.81 -5.71 -8.62
N LEU A 96 14.85 -7.00 -8.90
CA LEU A 96 13.56 -7.68 -8.98
C LEU A 96 12.99 -7.94 -7.59
N MET A 97 13.85 -8.00 -6.55
CA MET A 97 13.35 -8.02 -5.18
C MET A 97 12.62 -6.72 -4.85
N ALA A 98 13.23 -5.57 -5.16
CA ALA A 98 12.56 -4.29 -4.96
C ALA A 98 11.31 -4.18 -5.82
N GLN A 99 11.37 -4.64 -7.07
CA GLN A 99 10.15 -4.58 -7.89
C GLN A 99 9.01 -5.36 -7.25
N THR A 100 9.32 -6.53 -6.68
CA THR A 100 8.28 -7.35 -6.08
C THR A 100 7.66 -6.65 -4.88
N LEU A 101 8.52 -6.13 -3.99
CA LEU A 101 8.04 -5.36 -2.84
C LEU A 101 7.26 -4.13 -3.28
N GLU A 102 7.75 -3.40 -4.27
CA GLU A 102 7.08 -2.17 -4.64
C GLU A 102 5.69 -2.42 -5.22
N LYS A 103 5.48 -3.55 -5.89
CA LYS A 103 4.11 -3.85 -6.35
C LYS A 103 3.19 -4.13 -5.17
N ILE A 104 3.68 -4.77 -4.11
CA ILE A 104 2.83 -4.94 -2.93
C ILE A 104 2.50 -3.57 -2.35
N PHE A 105 3.52 -2.70 -2.26
CA PHE A 105 3.31 -1.36 -1.72
C PHE A 105 2.26 -0.61 -2.52
N LEU A 106 2.39 -0.60 -3.85
CA LEU A 106 1.39 0.06 -4.70
C LEU A 106 0.01 -0.53 -4.47
N GLN A 107 -0.11 -1.86 -4.56
CA GLN A 107 -1.40 -2.53 -4.34
C GLN A 107 -2.02 -2.04 -3.05
N LYS A 108 -1.26 -2.10 -1.95
CA LYS A 108 -1.82 -1.69 -0.66
C LYS A 108 -2.24 -0.24 -0.72
N VAL A 109 -1.42 0.61 -1.34
CA VAL A 109 -1.69 2.03 -1.36
C VAL A 109 -2.94 2.33 -2.15
N ALA A 110 -3.35 1.44 -3.05
CA ALA A 110 -4.59 1.64 -3.80
C ALA A 110 -5.83 1.59 -2.91
N SER A 111 -5.73 1.14 -1.66
CA SER A 111 -6.88 1.02 -0.78
C SER A 111 -6.68 1.79 0.52
N MET A 112 -5.82 2.78 0.51
CA MET A 112 -5.51 3.65 1.64
C MET A 112 -6.60 4.71 1.78
N PRO A 113 -7.01 5.04 3.01
CA PRO A 113 -8.12 5.98 3.21
C PRO A 113 -7.86 7.35 2.60
N GLN A 114 -8.94 8.13 2.52
CA GLN A 114 -8.97 9.56 2.17
C GLN A 114 -8.87 9.77 0.66
N THR B 8 -15.46 2.46 -12.74
CA THR B 8 -14.87 2.62 -11.40
C THR B 8 -14.64 4.09 -11.04
N ASN B 9 -14.95 4.44 -9.79
CA ASN B 9 -14.66 5.79 -9.31
C ASN B 9 -13.17 6.05 -9.26
N GLN B 10 -12.39 5.04 -8.86
CA GLN B 10 -10.93 5.19 -8.74
C GLN B 10 -10.28 5.34 -10.11
N LEU B 11 -10.71 4.54 -11.08
CA LEU B 11 -10.14 4.70 -12.41
C LEU B 11 -10.47 6.06 -13.00
N GLN B 12 -11.67 6.61 -12.75
CA GLN B 12 -11.97 7.95 -13.24
C GLN B 12 -11.09 9.00 -12.54
N TYR B 13 -10.71 8.74 -11.29
CA TYR B 13 -9.77 9.62 -10.60
C TYR B 13 -8.38 9.52 -11.21
N LEU B 14 -7.95 8.31 -11.57
CA LEU B 14 -6.66 8.16 -12.25
C LEU B 14 -6.69 8.85 -13.60
N HIS B 15 -7.80 8.72 -14.31
CA HIS B 15 -7.94 9.34 -15.62
C HIS B 15 -7.93 10.87 -15.51
N LYS B 16 -8.81 11.41 -14.67
CA LYS B 16 -9.18 12.81 -14.80
C LYS B 16 -8.53 13.73 -13.77
N VAL B 17 -7.91 13.19 -12.73
CA VAL B 17 -7.17 13.97 -11.74
C VAL B 17 -5.68 13.71 -11.83
N VAL B 18 -5.27 12.45 -11.64
CA VAL B 18 -3.86 12.10 -11.64
C VAL B 18 -3.25 12.29 -13.03
N MET B 19 -3.79 11.57 -14.01
CA MET B 19 -3.16 11.53 -15.32
C MET B 19 -3.18 12.90 -15.99
N LYS B 20 -4.19 13.72 -15.72
CA LYS B 20 -4.22 15.05 -16.30
C LYS B 20 -3.10 15.91 -15.72
N ALA B 21 -2.98 15.93 -14.38
CA ALA B 21 -1.85 16.59 -13.73
C ALA B 21 -0.52 16.16 -14.35
N LEU B 22 -0.27 14.87 -14.41
CA LEU B 22 1.00 14.39 -14.96
C LEU B 22 1.14 14.76 -16.44
N TRP B 23 0.07 14.61 -17.22
CA TRP B 23 0.18 14.74 -18.67
C TRP B 23 0.67 16.12 -19.07
N LYS B 24 0.17 17.15 -18.40
CA LYS B 24 0.43 18.55 -18.73
C LYS B 24 1.70 19.08 -18.10
N HIS B 25 2.40 18.26 -17.33
CA HIS B 25 3.58 18.73 -16.63
C HIS B 25 4.70 19.00 -17.62
N GLN B 26 5.57 19.96 -17.28
CA GLN B 26 6.60 20.32 -18.23
C GLN B 26 7.65 19.22 -18.40
N PHE B 27 7.72 18.25 -17.48
CA PHE B 27 8.64 17.14 -17.62
C PHE B 27 7.99 15.91 -18.24
N ALA B 28 6.71 15.98 -18.57
CA ALA B 28 5.96 14.80 -19.00
C ALA B 28 6.18 14.45 -20.46
N TRP B 29 6.77 15.35 -21.26
CA TRP B 29 6.83 15.09 -22.68
C TRP B 29 7.56 13.80 -23.08
N PRO B 30 8.58 13.30 -22.38
CA PRO B 30 9.17 12.03 -22.82
C PRO B 30 8.28 10.85 -22.54
N PHE B 31 7.27 11.01 -21.69
CA PHE B 31 6.45 9.91 -21.22
C PHE B 31 5.06 9.88 -21.81
N ARG B 32 4.75 10.77 -22.78
CA ARG B 32 3.41 10.83 -23.34
C ARG B 32 3.16 9.80 -24.44
N GLN B 33 4.19 9.05 -24.82
CA GLN B 33 4.13 8.10 -25.92
C GLN B 33 5.24 7.07 -25.71
N PRO B 34 5.10 5.88 -26.29
CA PRO B 34 6.11 4.84 -26.08
C PRO B 34 7.49 5.32 -26.52
N VAL B 35 8.51 4.78 -25.85
CA VAL B 35 9.87 4.94 -26.33
C VAL B 35 9.93 4.37 -27.73
N ASP B 36 10.44 5.15 -28.69
CA ASP B 36 10.80 4.63 -30.01
C ASP B 36 12.31 4.45 -29.98
N ALA B 37 12.76 3.21 -29.82
CA ALA B 37 14.17 2.95 -29.66
C ALA B 37 14.95 3.33 -30.90
N VAL B 38 14.30 3.25 -32.07
CA VAL B 38 14.98 3.53 -33.32
C VAL B 38 15.17 5.04 -33.50
N LYS B 39 14.06 5.78 -33.50
CA LYS B 39 14.14 7.22 -33.69
C LYS B 39 15.04 7.87 -32.63
N LEU B 40 14.99 7.38 -31.40
CA LEU B 40 15.74 8.00 -30.31
C LEU B 40 17.16 7.48 -30.18
N GLY B 41 17.55 6.53 -31.03
CA GLY B 41 18.91 6.00 -30.97
C GLY B 41 19.22 5.32 -29.66
N LEU B 42 18.61 4.15 -29.44
CA LEU B 42 18.82 3.33 -28.25
C LEU B 42 18.51 1.88 -28.61
N PRO B 43 19.39 1.18 -29.34
CA PRO B 43 19.04 -0.17 -29.82
C PRO B 43 19.09 -1.23 -28.72
N ASP B 44 19.75 -0.94 -27.60
CA ASP B 44 19.76 -1.75 -26.39
C ASP B 44 18.49 -1.60 -25.56
N TYR B 45 17.57 -0.70 -25.93
CA TYR B 45 16.49 -0.35 -25.04
C TYR B 45 15.59 -1.55 -24.75
N HIS B 46 15.23 -2.30 -25.79
CA HIS B 46 14.29 -3.41 -25.58
C HIS B 46 14.99 -4.67 -25.09
N LYS B 47 16.31 -4.69 -25.04
CA LYS B 47 16.98 -5.79 -24.39
C LYS B 47 17.07 -5.60 -22.89
N ILE B 48 16.94 -4.37 -22.42
CA ILE B 48 16.96 -4.09 -21.00
C ILE B 48 15.55 -3.90 -20.45
N ILE B 49 14.68 -3.25 -21.22
CA ILE B 49 13.33 -2.94 -20.80
C ILE B 49 12.41 -3.92 -21.51
N LYS B 50 11.97 -4.96 -20.82
CA LYS B 50 11.09 -5.93 -21.46
C LYS B 50 9.62 -5.58 -21.34
N GLN B 51 9.22 -4.66 -20.44
CA GLN B 51 7.84 -4.19 -20.36
C GLN B 51 7.81 -2.69 -20.58
N PRO B 52 7.86 -2.23 -21.81
CA PRO B 52 7.70 -0.78 -22.06
C PRO B 52 6.36 -0.28 -21.55
N MET B 53 6.33 0.98 -21.12
CA MET B 53 5.12 1.63 -20.65
C MET B 53 5.30 3.14 -20.71
N ASP B 54 4.19 3.84 -20.88
CA ASP B 54 4.17 5.28 -21.17
C ASP B 54 2.77 5.78 -20.89
N MET B 55 2.66 7.09 -20.67
CA MET B 55 1.37 7.63 -20.27
C MET B 55 0.34 7.57 -21.40
N GLY B 56 0.79 7.60 -22.66
CA GLY B 56 -0.13 7.44 -23.77
C GLY B 56 -0.86 6.11 -23.73
N THR B 57 -0.12 5.02 -23.56
CA THR B 57 -0.74 3.70 -23.43
C THR B 57 -1.71 3.69 -22.26
N ILE B 58 -1.29 4.18 -21.10
CA ILE B 58 -2.16 4.21 -19.94
C ILE B 58 -3.42 5.01 -20.25
N LYS B 59 -3.27 6.12 -20.98
CA LYS B 59 -4.42 6.98 -21.31
C LYS B 59 -5.43 6.23 -22.17
N ARG B 60 -4.99 5.70 -23.33
CA ARG B 60 -5.85 4.83 -24.16
C ARG B 60 -6.54 3.77 -23.31
N ARG B 61 -5.75 3.06 -22.50
CA ARG B 61 -6.28 1.98 -21.69
C ARG B 61 -7.38 2.45 -20.74
N LEU B 62 -7.24 3.66 -20.19
CA LEU B 62 -8.31 4.18 -19.35
C LEU B 62 -9.53 4.57 -20.18
N GLU B 63 -9.31 4.99 -21.42
CA GLU B 63 -10.40 5.42 -22.29
C GLU B 63 -11.22 4.24 -22.81
N ASN B 64 -10.56 3.12 -23.15
CA ASN B 64 -11.24 1.95 -23.66
C ASN B 64 -11.57 0.93 -22.58
N ASN B 65 -11.51 1.34 -21.30
CA ASN B 65 -11.93 0.48 -20.20
C ASN B 65 -11.12 -0.81 -20.12
N TYR B 66 -9.81 -0.70 -20.37
CA TYR B 66 -8.96 -1.89 -20.32
C TYR B 66 -8.77 -2.37 -18.89
N TYR B 67 -8.67 -1.44 -17.95
CA TYR B 67 -8.31 -1.82 -16.58
C TYR B 67 -9.50 -2.35 -15.84
N TRP B 68 -9.25 -3.32 -14.97
CA TRP B 68 -10.30 -3.81 -14.09
C TRP B 68 -10.30 -3.11 -12.75
N ALA B 69 -9.14 -2.63 -12.30
CA ALA B 69 -9.01 -2.02 -10.98
C ALA B 69 -7.97 -0.91 -11.02
N ALA B 70 -8.12 0.06 -10.12
CA ALA B 70 -7.13 1.13 -9.98
C ALA B 70 -5.70 0.59 -9.96
N SER B 71 -5.45 -0.40 -9.10
CA SER B 71 -4.08 -0.89 -8.87
C SER B 71 -3.46 -1.39 -10.16
N GLU B 72 -4.25 -1.94 -11.09
CA GLU B 72 -3.68 -2.32 -12.38
C GLU B 72 -3.09 -1.12 -13.09
N CYS B 73 -3.75 0.01 -12.99
CA CYS B 73 -3.29 1.22 -13.64
C CYS B 73 -2.11 1.84 -12.89
N MET B 74 -2.21 1.93 -11.57
CA MET B 74 -1.07 2.35 -10.75
C MET B 74 0.16 1.49 -11.01
N GLN B 75 -0.02 0.20 -11.35
CA GLN B 75 1.14 -0.65 -11.63
C GLN B 75 1.75 -0.32 -12.98
N ASP B 76 0.92 0.14 -13.92
CA ASP B 76 1.43 0.61 -15.20
C ASP B 76 2.20 1.92 -15.05
N PHE B 77 1.70 2.85 -14.23
CA PHE B 77 2.47 4.06 -13.96
C PHE B 77 3.85 3.69 -13.40
N ASN B 78 3.87 2.77 -12.44
CA ASN B 78 5.12 2.41 -11.78
C ASN B 78 6.08 1.77 -12.76
N THR B 79 5.59 0.84 -13.58
CA THR B 79 6.43 0.21 -14.57
C THR B 79 7.11 1.24 -15.46
N MET B 80 6.36 2.27 -15.87
CA MET B 80 6.93 3.31 -16.72
C MET B 80 8.07 4.03 -16.00
N PHE B 81 7.82 4.46 -14.75
CA PHE B 81 8.87 5.10 -13.97
C PHE B 81 10.04 4.15 -13.70
N THR B 82 9.75 2.91 -13.29
CA THR B 82 10.83 1.99 -13.00
C THR B 82 11.67 1.72 -14.24
N ASN B 83 11.04 1.67 -15.41
CA ASN B 83 11.79 1.46 -16.64
C ASN B 83 12.81 2.56 -16.83
N CYS B 84 12.38 3.80 -16.55
CA CYS B 84 13.26 4.95 -16.72
C CYS B 84 14.47 4.83 -15.81
N TYR B 85 14.24 4.57 -14.51
CA TYR B 85 15.35 4.41 -13.58
C TYR B 85 16.27 3.27 -13.98
N ILE B 86 15.71 2.16 -14.48
CA ILE B 86 16.55 1.00 -14.74
C ILE B 86 17.38 1.20 -16.00
N TYR B 87 16.78 1.71 -17.06
CA TYR B 87 17.50 1.85 -18.32
C TYR B 87 18.57 2.95 -18.27
N ASN B 88 18.22 4.14 -17.77
CA ASN B 88 19.09 5.30 -17.90
C ASN B 88 20.18 5.35 -16.82
N LYS B 89 21.29 6.03 -17.16
CA LYS B 89 22.34 6.34 -16.18
C LYS B 89 21.80 7.26 -15.09
N PRO B 90 22.31 7.13 -13.86
CA PRO B 90 21.86 7.99 -12.75
C PRO B 90 22.02 9.47 -12.99
N THR B 91 22.94 9.89 -13.85
CA THR B 91 23.18 11.32 -14.09
C THR B 91 22.22 11.92 -15.12
N ASP B 92 21.40 11.09 -15.78
CA ASP B 92 20.57 11.56 -16.88
C ASP B 92 19.43 12.43 -16.38
N ASP B 93 19.19 13.56 -17.05
CA ASP B 93 18.10 14.44 -16.67
C ASP B 93 16.77 13.72 -16.63
N ILE B 94 16.58 12.73 -17.52
CA ILE B 94 15.29 12.05 -17.54
C ILE B 94 15.02 11.32 -16.23
N VAL B 95 16.08 10.92 -15.51
CA VAL B 95 15.89 10.32 -14.19
C VAL B 95 15.24 11.32 -13.24
N LEU B 96 15.77 12.56 -13.18
CA LEU B 96 15.14 13.59 -12.37
C LEU B 96 13.73 13.88 -12.82
N MET B 97 13.50 13.90 -14.14
CA MET B 97 12.16 14.20 -14.63
C MET B 97 11.17 13.14 -14.18
N ALA B 98 11.57 11.87 -14.26
CA ALA B 98 10.68 10.80 -13.84
C ALA B 98 10.36 10.89 -12.34
N GLN B 99 11.39 11.06 -11.50
CA GLN B 99 11.13 11.20 -10.06
C GLN B 99 10.17 12.34 -9.77
N THR B 100 10.42 13.51 -10.37
CA THR B 100 9.52 14.64 -10.16
C THR B 100 8.10 14.26 -10.53
N LEU B 101 7.94 13.60 -11.68
CA LEU B 101 6.60 13.15 -12.05
C LEU B 101 6.10 12.07 -11.10
N GLU B 102 7.00 11.20 -10.65
CA GLU B 102 6.57 10.09 -9.80
C GLU B 102 6.06 10.58 -8.46
N LYS B 103 6.72 11.59 -7.88
CA LYS B 103 6.25 12.16 -6.61
C LYS B 103 4.84 12.76 -6.76
N ILE B 104 4.58 13.50 -7.83
CA ILE B 104 3.24 14.03 -8.06
C ILE B 104 2.21 12.90 -8.08
N PHE B 105 2.50 11.86 -8.87
CA PHE B 105 1.66 10.66 -8.90
C PHE B 105 1.41 10.10 -7.50
N LEU B 106 2.47 9.88 -6.73
CA LEU B 106 2.28 9.37 -5.36
C LEU B 106 1.42 10.32 -4.54
N GLN B 107 1.63 11.63 -4.68
CA GLN B 107 0.84 12.61 -3.94
C GLN B 107 -0.63 12.56 -4.37
N LYS B 108 -0.88 12.54 -5.68
CA LYS B 108 -2.25 12.46 -6.16
C LYS B 108 -2.92 11.13 -5.77
N VAL B 109 -2.16 10.04 -5.74
CA VAL B 109 -2.77 8.76 -5.44
C VAL B 109 -3.16 8.68 -3.96
N ALA B 110 -2.42 9.35 -3.08
CA ALA B 110 -2.80 9.36 -1.68
C ALA B 110 -4.23 9.86 -1.47
N SER B 111 -4.73 10.72 -2.35
CA SER B 111 -6.06 11.29 -2.22
C SER B 111 -7.10 10.61 -3.10
N MET B 112 -6.82 9.37 -3.51
CA MET B 112 -7.80 8.60 -4.29
C MET B 112 -8.95 8.15 -3.39
N PRO B 113 -10.17 8.21 -3.89
CA PRO B 113 -11.32 7.66 -3.15
C PRO B 113 -11.10 6.21 -2.75
N GLN B 114 -11.28 5.93 -1.46
CA GLN B 114 -10.92 4.64 -0.87
C GLN B 114 -11.95 3.55 -1.14
N THR C 8 -20.44 -25.93 16.64
CA THR C 8 -19.42 -26.83 16.08
C THR C 8 -19.41 -26.76 14.56
N ASN C 9 -20.44 -27.28 13.89
CA ASN C 9 -20.64 -26.88 12.50
C ASN C 9 -20.85 -25.37 12.41
N GLN C 10 -21.60 -24.80 13.37
CA GLN C 10 -21.78 -23.35 13.48
C GLN C 10 -20.44 -22.65 13.67
N LEU C 11 -19.68 -23.07 14.70
CA LEU C 11 -18.40 -22.43 15.01
C LEU C 11 -17.38 -22.64 13.90
N GLN C 12 -17.46 -23.76 13.17
CA GLN C 12 -16.58 -23.93 12.02
C GLN C 12 -17.01 -23.03 10.88
N TYR C 13 -18.31 -22.74 10.78
CA TYR C 13 -18.81 -21.83 9.76
C TYR C 13 -18.40 -20.39 10.06
N LEU C 14 -18.49 -19.97 11.32
CA LEU C 14 -18.03 -18.65 11.69
C LEU C 14 -16.53 -18.50 11.41
N HIS C 15 -15.76 -19.56 11.67
CA HIS C 15 -14.32 -19.52 11.38
C HIS C 15 -14.05 -19.57 9.89
N LYS C 16 -14.54 -20.61 9.20
CA LYS C 16 -14.09 -20.84 7.84
C LYS C 16 -14.86 -20.03 6.81
N VAL C 17 -16.02 -19.49 7.14
CA VAL C 17 -16.77 -18.64 6.23
C VAL C 17 -16.76 -17.20 6.68
N VAL C 18 -17.30 -16.92 7.87
CA VAL C 18 -17.49 -15.53 8.29
C VAL C 18 -16.15 -14.86 8.56
N MET C 19 -15.34 -15.46 9.44
CA MET C 19 -14.04 -14.86 9.76
C MET C 19 -13.12 -14.80 8.53
N LYS C 20 -13.08 -15.88 7.74
CA LYS C 20 -12.38 -15.86 6.45
C LYS C 20 -12.73 -14.63 5.64
N ALA C 21 -14.02 -14.43 5.38
CA ALA C 21 -14.42 -13.29 4.55
C ALA C 21 -14.08 -11.97 5.23
N LEU C 22 -14.44 -11.83 6.50
CA LEU C 22 -14.25 -10.53 7.16
C LEU C 22 -12.77 -10.22 7.36
N TRP C 23 -11.93 -11.23 7.58
CA TRP C 23 -10.54 -10.94 7.91
C TRP C 23 -9.78 -10.38 6.71
N LYS C 24 -10.04 -10.92 5.51
CA LYS C 24 -9.35 -10.47 4.32
C LYS C 24 -9.93 -9.19 3.72
N HIS C 25 -11.07 -8.72 4.24
CA HIS C 25 -11.72 -7.55 3.65
C HIS C 25 -10.83 -6.31 3.76
N GLN C 26 -11.00 -5.39 2.82
CA GLN C 26 -10.10 -4.23 2.81
C GLN C 26 -10.39 -3.26 3.95
N PHE C 27 -11.56 -3.35 4.57
CA PHE C 27 -11.91 -2.47 5.68
C PHE C 27 -11.53 -3.06 7.03
N ALA C 28 -10.99 -4.27 7.04
CA ALA C 28 -10.75 -4.99 8.29
C ALA C 28 -9.54 -4.47 9.06
N TRP C 29 -8.67 -3.68 8.43
CA TRP C 29 -7.37 -3.41 9.06
C TRP C 29 -7.44 -2.69 10.40
N PRO C 30 -8.34 -1.73 10.64
CA PRO C 30 -8.39 -1.13 11.98
C PRO C 30 -8.85 -2.10 13.06
N PHE C 31 -9.37 -3.25 12.66
CA PHE C 31 -9.96 -4.20 13.59
C PHE C 31 -9.14 -5.48 13.71
N ARG C 32 -8.09 -5.65 12.91
CA ARG C 32 -7.33 -6.89 12.93
C ARG C 32 -6.57 -7.07 14.24
N GLN C 33 -6.47 -6.03 15.05
CA GLN C 33 -5.69 -6.06 16.30
C GLN C 33 -6.36 -5.14 17.30
N PRO C 34 -6.05 -5.29 18.58
CA PRO C 34 -6.69 -4.46 19.61
C PRO C 34 -6.41 -2.97 19.47
N VAL C 35 -7.39 -2.19 19.91
CA VAL C 35 -7.22 -0.75 20.00
C VAL C 35 -6.03 -0.48 20.90
N ASP C 36 -5.01 0.17 20.37
CA ASP C 36 -3.97 0.67 21.25
C ASP C 36 -4.30 2.11 21.61
N ALA C 37 -4.81 2.33 22.83
CA ALA C 37 -5.16 3.68 23.26
C ALA C 37 -3.93 4.59 23.32
N VAL C 38 -2.80 4.08 23.81
CA VAL C 38 -1.62 4.93 23.96
C VAL C 38 -1.02 5.23 22.60
N LYS C 39 -0.86 4.22 21.75
CA LYS C 39 -0.25 4.40 20.43
C LYS C 39 -1.14 5.25 19.51
N LEU C 40 -2.46 5.09 19.60
CA LEU C 40 -3.40 5.94 18.87
C LEU C 40 -3.72 7.24 19.61
N GLY C 41 -3.08 7.50 20.75
CA GLY C 41 -3.36 8.71 21.51
C GLY C 41 -4.84 8.94 21.77
N LEU C 42 -5.50 7.97 22.43
CA LEU C 42 -6.90 8.08 22.84
C LEU C 42 -6.93 7.75 24.33
N PRO C 43 -6.57 8.71 25.19
CA PRO C 43 -6.47 8.43 26.64
C PRO C 43 -7.81 8.23 27.33
N ASP C 44 -8.92 8.37 26.59
CA ASP C 44 -10.26 8.18 27.14
C ASP C 44 -10.92 6.89 26.68
N TYR C 45 -10.31 6.19 25.71
CA TYR C 45 -10.93 5.03 25.09
C TYR C 45 -11.41 3.99 26.10
N HIS C 46 -10.60 3.69 27.12
CA HIS C 46 -10.93 2.63 28.07
C HIS C 46 -11.82 3.10 29.22
N LYS C 47 -11.96 4.42 29.40
CA LYS C 47 -13.05 4.93 30.25
C LYS C 47 -14.40 4.77 29.56
N ILE C 48 -14.47 4.97 28.25
CA ILE C 48 -15.76 4.87 27.56
C ILE C 48 -16.09 3.41 27.24
N ILE C 49 -15.17 2.71 26.59
CA ILE C 49 -15.41 1.36 26.10
C ILE C 49 -15.00 0.36 27.17
N LYS C 50 -15.98 -0.37 27.69
CA LYS C 50 -15.70 -1.27 28.82
C LYS C 50 -15.19 -2.63 28.35
N GLN C 51 -15.62 -3.12 27.18
CA GLN C 51 -15.27 -4.46 26.70
C GLN C 51 -14.60 -4.39 25.32
N PRO C 52 -13.31 -4.09 25.27
CA PRO C 52 -12.60 -4.10 23.98
C PRO C 52 -12.68 -5.44 23.29
N MET C 53 -12.72 -5.39 21.95
CA MET C 53 -12.80 -6.59 21.13
C MET C 53 -12.23 -6.27 19.76
N ASP C 54 -11.64 -7.27 19.13
CA ASP C 54 -11.03 -7.10 17.83
C ASP C 54 -11.03 -8.44 17.12
N MET C 55 -10.87 -8.41 15.80
CA MET C 55 -10.90 -9.65 15.04
C MET C 55 -9.66 -10.48 15.29
N GLY C 56 -8.55 -9.87 15.72
CA GLY C 56 -7.40 -10.65 16.10
C GLY C 56 -7.72 -11.57 17.26
N THR C 57 -8.46 -11.06 18.24
CA THR C 57 -8.84 -11.85 19.40
C THR C 57 -9.88 -12.93 19.03
N ILE C 58 -10.91 -12.55 18.26
CA ILE C 58 -11.91 -13.52 17.81
C ILE C 58 -11.24 -14.64 17.03
N LYS C 59 -10.35 -14.26 16.10
CA LYS C 59 -9.65 -15.23 15.27
C LYS C 59 -8.82 -16.19 16.13
N ARG C 60 -8.09 -15.67 17.12
CA ARG C 60 -7.33 -16.55 18.00
C ARG C 60 -8.27 -17.49 18.75
N ARG C 61 -9.41 -16.98 19.24
CA ARG C 61 -10.35 -17.82 19.96
C ARG C 61 -10.99 -18.85 19.04
N LEU C 62 -11.25 -18.50 17.78
CA LEU C 62 -11.81 -19.50 16.88
C LEU C 62 -10.79 -20.60 16.62
N GLU C 63 -9.51 -20.24 16.54
CA GLU C 63 -8.49 -21.20 16.19
C GLU C 63 -8.21 -22.15 17.34
N ASN C 64 -8.40 -21.71 18.57
CA ASN C 64 -8.09 -22.54 19.73
C ASN C 64 -9.33 -23.07 20.43
N ASN C 65 -10.47 -23.09 19.74
CA ASN C 65 -11.69 -23.71 20.24
C ASN C 65 -12.17 -23.07 21.53
N TYR C 66 -11.81 -21.79 21.70
CA TYR C 66 -12.19 -21.06 22.90
C TYR C 66 -13.69 -21.02 23.08
N TYR C 67 -14.44 -20.86 21.98
CA TYR C 67 -15.86 -20.55 22.10
C TYR C 67 -16.66 -21.79 22.48
N TRP C 68 -17.50 -21.62 23.50
CA TRP C 68 -18.44 -22.64 23.95
C TRP C 68 -19.62 -22.79 22.98
N ALA C 69 -20.18 -21.66 22.50
CA ALA C 69 -21.30 -21.67 21.56
C ALA C 69 -21.07 -20.64 20.46
N ALA C 70 -21.65 -20.90 19.28
CA ALA C 70 -21.48 -19.98 18.17
C ALA C 70 -21.95 -18.58 18.53
N SER C 71 -22.86 -18.46 19.47
CA SER C 71 -23.41 -17.16 19.78
C SER C 71 -22.43 -16.28 20.54
N GLU C 72 -21.47 -16.86 21.25
CA GLU C 72 -20.44 -16.08 21.93
C GLU C 72 -19.50 -15.44 20.94
N CYS C 73 -19.20 -16.12 19.85
CA CYS C 73 -18.43 -15.50 18.79
C CYS C 73 -19.21 -14.33 18.21
N MET C 74 -20.51 -14.52 17.98
CA MET C 74 -21.30 -13.43 17.41
C MET C 74 -21.31 -12.22 18.35
N GLN C 75 -21.45 -12.47 19.65
CA GLN C 75 -21.43 -11.36 20.60
C GLN C 75 -20.12 -10.61 20.54
N ASP C 76 -19.01 -11.34 20.34
CA ASP C 76 -17.71 -10.66 20.28
C ASP C 76 -17.63 -9.79 19.03
N PHE C 77 -18.03 -10.34 17.88
CA PHE C 77 -18.14 -9.53 16.67
C PHE C 77 -18.95 -8.28 16.93
N ASN C 78 -20.15 -8.45 17.50
CA ASN C 78 -21.02 -7.32 17.75
C ASN C 78 -20.40 -6.32 18.70
N THR C 79 -19.73 -6.80 19.75
CA THR C 79 -19.07 -5.90 20.69
C THR C 79 -17.98 -5.10 19.98
N MET C 80 -17.18 -5.76 19.13
CA MET C 80 -16.22 -5.03 18.31
C MET C 80 -16.90 -3.87 17.57
N PHE C 81 -17.93 -4.17 16.79
CA PHE C 81 -18.61 -3.12 16.04
C PHE C 81 -19.22 -2.06 16.95
N THR C 82 -19.89 -2.48 18.03
CA THR C 82 -20.59 -1.50 18.86
C THR C 82 -19.61 -0.55 19.52
N ASN C 83 -18.46 -1.05 19.96
CA ASN C 83 -17.45 -0.18 20.52
C ASN C 83 -17.09 0.93 19.53
N CYS C 84 -16.87 0.55 18.27
CA CYS C 84 -16.50 1.50 17.24
C CYS C 84 -17.58 2.55 17.04
N TYR C 85 -18.85 2.12 17.01
CA TYR C 85 -19.95 3.06 16.89
C TYR C 85 -20.05 3.94 18.11
N ILE C 86 -19.85 3.37 19.30
CA ILE C 86 -19.99 4.16 20.50
C ILE C 86 -18.85 5.16 20.62
N TYR C 87 -17.62 4.74 20.30
CA TYR C 87 -16.48 5.59 20.65
C TYR C 87 -16.27 6.71 19.66
N ASN C 88 -16.40 6.44 18.37
CA ASN C 88 -15.91 7.38 17.36
C ASN C 88 -16.96 8.44 17.01
N LYS C 89 -16.51 9.49 16.25
CA LYS C 89 -17.46 10.50 15.77
C LYS C 89 -18.25 9.96 14.57
N PRO C 90 -19.53 10.31 14.44
CA PRO C 90 -20.32 9.76 13.33
C PRO C 90 -19.66 9.92 11.97
N THR C 91 -18.80 10.92 11.80
CA THR C 91 -18.17 11.19 10.51
C THR C 91 -16.88 10.39 10.27
N ASP C 92 -16.26 9.83 11.30
CA ASP C 92 -15.05 9.04 11.12
C ASP C 92 -15.26 7.93 10.10
N ASP C 93 -14.28 7.74 9.20
CA ASP C 93 -14.39 6.67 8.21
C ASP C 93 -14.54 5.32 8.88
N ILE C 94 -13.87 5.12 10.02
CA ILE C 94 -13.89 3.80 10.65
C ILE C 94 -15.33 3.40 10.98
N VAL C 95 -16.17 4.39 11.31
CA VAL C 95 -17.58 4.12 11.55
C VAL C 95 -18.23 3.54 10.30
N LEU C 96 -17.90 4.09 9.13
CA LEU C 96 -18.44 3.54 7.89
C LEU C 96 -17.86 2.17 7.59
N MET C 97 -16.59 1.94 7.93
CA MET C 97 -16.01 0.64 7.66
C MET C 97 -16.65 -0.45 8.51
N ALA C 98 -16.81 -0.18 9.81
CA ALA C 98 -17.57 -1.09 10.66
C ALA C 98 -18.94 -1.38 10.05
N GLN C 99 -19.69 -0.34 9.68
CA GLN C 99 -21.01 -0.54 9.06
C GLN C 99 -20.92 -1.52 7.89
N THR C 100 -19.96 -1.31 7.00
CA THR C 100 -19.78 -2.24 5.89
C THR C 100 -19.46 -3.64 6.40
N LEU C 101 -18.53 -3.74 7.35
CA LEU C 101 -18.12 -5.07 7.83
C LEU C 101 -19.27 -5.77 8.51
N GLU C 102 -20.02 -5.04 9.35
CA GLU C 102 -21.11 -5.65 10.09
C GLU C 102 -22.17 -6.21 9.17
N LYS C 103 -22.46 -5.51 8.06
CA LYS C 103 -23.50 -6.01 7.14
C LYS C 103 -23.10 -7.33 6.51
N ILE C 104 -21.84 -7.44 6.06
CA ILE C 104 -21.34 -8.72 5.58
C ILE C 104 -21.47 -9.77 6.68
N PHE C 105 -21.09 -9.40 7.89
CA PHE C 105 -21.21 -10.31 9.03
C PHE C 105 -22.66 -10.82 9.17
N LEU C 106 -23.63 -9.91 9.17
CA LEU C 106 -25.01 -10.34 9.36
C LEU C 106 -25.53 -11.14 8.18
N GLN C 107 -25.21 -10.72 6.95
CA GLN C 107 -25.54 -11.53 5.78
C GLN C 107 -25.04 -12.96 5.98
N LYS C 108 -23.76 -13.10 6.35
CA LYS C 108 -23.22 -14.45 6.49
C LYS C 108 -23.85 -15.20 7.65
N VAL C 109 -24.20 -14.51 8.75
CA VAL C 109 -24.85 -15.21 9.86
C VAL C 109 -26.23 -15.73 9.49
N ALA C 110 -26.93 -15.08 8.55
CA ALA C 110 -28.25 -15.54 8.17
C ALA C 110 -28.22 -16.93 7.53
N SER C 111 -27.11 -17.27 6.86
CA SER C 111 -26.95 -18.55 6.19
C SER C 111 -26.27 -19.60 7.07
N MET C 112 -25.80 -19.21 8.25
CA MET C 112 -25.11 -20.14 9.13
C MET C 112 -26.00 -21.34 9.44
N PRO C 113 -25.46 -22.56 9.42
CA PRO C 113 -26.27 -23.75 9.76
C PRO C 113 -26.81 -23.71 11.19
N GLN C 114 -27.61 -24.69 11.59
CA GLN C 114 -28.10 -24.72 12.98
C GLN C 114 -27.85 -26.08 13.67
#